data_7HKE
#
_entry.id   7HKE
#
_cell.length_a   82.451
_cell.length_b   117.072
_cell.length_c   148.344
_cell.angle_alpha   90.00
_cell.angle_beta   90.00
_cell.angle_gamma   90.00
#
_symmetry.space_group_name_H-M   'I 2 2 2'
#
loop_
_entity.id
_entity.type
_entity.pdbx_description
1 polymer 'Genome polyprotein'
2 non-polymer 'ZINC ION'
3 non-polymer '2-(N-MORPHOLINO)-ETHANESULFONIC ACID'
4 non-polymer 'DIMETHYL SULFOXIDE'
5 non-polymer DI(HYDROXYETHYL)ETHER
6 non-polymer 'PHOSPHATE ION'
7 non-polymer ~{N}-(1,3-benzodioxol-5-ylmethyl)ethanesulfonamide
8 water water
#
_entity_poly.entity_id   1
_entity_poly.type   'polypeptide(L)'
_entity_poly.pdbx_seq_one_letter_code
;GPGIESETPNLDIIGKRIEKIKQEHETSWHYDQDHPYKTWAYHGSYETKQTGSASSMVNGVVRLLTKPWDIIPMVTQMAM
TDTTPFGQQRVFKEKVDTRTQEPKEGTKKLMKITAEWLWKELGKKKTPRMCTREEFTRKVRSNAALGAIFTDENKWKSAR
EAVEDSGFWELVDKERNLHLEGKCETCVYNMMGKREKKLGEFGKAKGSRAIWYMWLGARFLEFEALGFLNEDHWFSRENS
LSGVEGEGLHKLGYILRDVSKKEGGAMYADDTAGWDTRITLEDLKNEEMVTNHMEGEHKKLAEAIFKLTYQNKVVRVQRP
TPRGTVMDIISRRDQRGSGQVVTYGLNTFTNMEAQLIRQMEGEGVFKSIQHLTVTEEIAVKNWLVRVGRERLSRMAISGD
DCVVKPLDDRFASALTALNDMGKVRKDIQQWEPSRGWNDWTQVPFCSHHFHELIMKDGRVLVVPCRNQDELIGRARISQG
AGWSLRETACLGKSYAQMWSLMYFHRRDLRLAANAICSAVPSHWVPTSRTTWSIHATHEWMTTEDMLTVWNRVWIQENPW
MEDKTPVESWEEIPYLGKREDQWCGSLIGLTSRATWAKNIQTAINQVRSLIGNEEYTDYMPSMKRFRREEEEAGVLW
;
_entity_poly.pdbx_strand_id   A
#
loop_
_chem_comp.id
_chem_comp.type
_chem_comp.name
_chem_comp.formula
DMS non-polymer 'DIMETHYL SULFOXIDE' 'C2 H6 O S'
MES non-polymer '2-(N-MORPHOLINO)-ETHANESULFONIC ACID' 'C6 H13 N O4 S'
PEG non-polymer DI(HYDROXYETHYL)ETHER 'C4 H10 O3'
PO4 non-polymer 'PHOSPHATE ION' 'O4 P -3'
STV non-polymer ~{N}-(1,3-benzodioxol-5-ylmethyl)ethanesulfonamide 'C10 H13 N O4 S'
ZN non-polymer 'ZINC ION' 'Zn 2'
#
# COMPACT_ATOMS: atom_id res chain seq x y z
N ASN A 10 -25.78 19.14 1.23
CA ASN A 10 -26.47 17.82 1.17
C ASN A 10 -26.99 17.62 -0.27
N LEU A 11 -28.31 17.47 -0.45
CA LEU A 11 -28.94 16.76 -1.61
C LEU A 11 -28.69 17.52 -2.92
N ASP A 12 -28.37 18.80 -2.86
CA ASP A 12 -28.08 19.62 -4.06
C ASP A 12 -26.82 19.08 -4.75
N ILE A 13 -25.83 18.54 -4.02
CA ILE A 13 -24.56 18.02 -4.62
C ILE A 13 -24.70 16.52 -4.97
N ILE A 14 -25.41 15.73 -4.15
CA ILE A 14 -25.51 14.25 -4.31
C ILE A 14 -26.83 13.82 -4.98
N GLY A 15 -27.87 14.69 -5.00
CA GLY A 15 -29.25 14.35 -5.42
C GLY A 15 -29.32 13.80 -6.85
N LYS A 16 -28.64 14.46 -7.79
CA LYS A 16 -28.59 14.11 -9.23
C LYS A 16 -28.14 12.65 -9.38
N ARG A 17 -27.00 12.29 -8.77
CA ARG A 17 -26.48 10.90 -8.72
C ARG A 17 -27.55 9.97 -8.17
N ILE A 18 -28.22 10.39 -7.10
CA ILE A 18 -29.29 9.63 -6.41
C ILE A 18 -30.49 9.54 -7.37
N GLU A 19 -30.98 10.69 -7.85
CA GLU A 19 -32.09 10.81 -8.85
C GLU A 19 -31.89 9.76 -9.94
N LYS A 20 -30.70 9.74 -10.56
CA LYS A 20 -30.41 8.91 -11.76
C LYS A 20 -30.53 7.43 -11.40
N ILE A 21 -29.99 7.00 -10.26
CA ILE A 21 -30.00 5.56 -9.84
C ILE A 21 -31.46 5.13 -9.59
N LYS A 22 -32.24 5.99 -8.93
CA LYS A 22 -33.69 5.80 -8.65
C LYS A 22 -34.40 5.32 -9.93
N GLN A 23 -34.34 6.11 -11.00
CA GLN A 23 -35.05 5.87 -12.29
C GLN A 23 -34.59 4.59 -12.99
N GLU A 24 -33.35 4.14 -12.80
CA GLU A 24 -32.81 2.90 -13.45
C GLU A 24 -33.43 1.66 -12.77
N HIS A 25 -34.00 1.82 -11.58
CA HIS A 25 -34.63 0.73 -10.78
C HIS A 25 -35.97 1.22 -10.22
N GLU A 26 -36.77 1.90 -11.06
CA GLU A 26 -38.07 2.53 -10.71
C GLU A 26 -39.06 1.44 -10.23
N THR A 27 -38.90 0.20 -10.71
CA THR A 27 -39.75 -0.96 -10.37
C THR A 27 -39.49 -1.46 -8.93
N SER A 28 -38.37 -1.06 -8.29
CA SER A 28 -37.88 -1.64 -7.00
C SER A 28 -37.68 -0.60 -5.89
N TRP A 29 -37.82 0.71 -6.15
CA TRP A 29 -37.42 1.76 -5.18
C TRP A 29 -38.35 1.76 -3.96
N HIS A 30 -37.79 1.55 -2.77
CA HIS A 30 -38.50 1.56 -1.46
C HIS A 30 -37.61 2.14 -0.38
N TYR A 31 -38.09 3.14 0.38
CA TYR A 31 -37.40 3.70 1.56
C TYR A 31 -37.56 2.72 2.73
N ASP A 32 -36.78 1.64 2.72
CA ASP A 32 -36.75 0.58 3.77
C ASP A 32 -36.63 1.24 5.15
N GLN A 33 -37.34 0.68 6.14
CA GLN A 33 -37.51 1.26 7.51
C GLN A 33 -36.64 0.48 8.51
N ASP A 34 -36.22 -0.74 8.15
CA ASP A 34 -35.34 -1.63 8.97
C ASP A 34 -33.89 -1.52 8.46
N HIS A 35 -33.46 -0.31 8.06
CA HIS A 35 -32.10 -0.04 7.52
C HIS A 35 -31.10 0.05 8.67
N PRO A 36 -29.94 -0.66 8.60
CA PRO A 36 -29.00 -0.71 9.71
C PRO A 36 -28.10 0.53 9.97
N TYR A 37 -28.19 1.57 9.14
CA TYR A 37 -27.20 2.69 9.13
C TYR A 37 -27.56 3.66 10.26
N LYS A 38 -26.53 4.14 10.96
CA LYS A 38 -26.63 5.23 11.97
C LYS A 38 -25.86 6.47 11.50
N THR A 39 -24.61 6.29 11.04
CA THR A 39 -23.65 7.39 10.73
C THR A 39 -23.65 7.73 9.24
N TRP A 40 -24.03 6.78 8.37
CA TRP A 40 -24.34 7.01 6.93
C TRP A 40 -25.75 7.58 6.80
N ALA A 41 -25.96 8.59 5.96
CA ALA A 41 -27.29 9.04 5.49
C ALA A 41 -27.81 8.02 4.47
N TYR A 42 -29.04 7.57 4.67
CA TYR A 42 -29.73 6.52 3.87
C TYR A 42 -30.69 7.21 2.92
N HIS A 43 -30.91 6.64 1.73
CA HIS A 43 -31.74 7.31 0.71
C HIS A 43 -32.78 6.35 0.11
N GLY A 44 -32.44 5.08 -0.05
CA GLY A 44 -33.38 4.09 -0.61
C GLY A 44 -32.69 2.80 -0.97
N SER A 45 -33.47 1.83 -1.45
CA SER A 45 -33.03 0.45 -1.76
C SER A 45 -33.63 0.04 -3.11
N TYR A 46 -33.16 -1.07 -3.69
CA TYR A 46 -33.61 -1.64 -4.99
C TYR A 46 -33.05 -3.08 -5.14
N GLU A 47 -33.63 -3.85 -6.07
CA GLU A 47 -33.45 -5.32 -6.18
C GLU A 47 -32.16 -5.64 -6.94
N THR A 48 -31.34 -6.55 -6.39
CA THR A 48 -30.11 -7.13 -7.00
C THR A 48 -29.97 -8.57 -6.48
N LYS A 49 -28.93 -9.31 -6.90
CA LYS A 49 -28.65 -10.70 -6.40
C LYS A 49 -27.32 -11.20 -6.98
N GLN A 50 -26.26 -11.18 -6.17
CA GLN A 50 -24.90 -11.69 -6.51
C GLN A 50 -24.02 -11.66 -5.26
N THR A 51 -22.71 -11.93 -5.40
CA THR A 51 -21.70 -11.95 -4.31
C THR A 51 -21.75 -10.62 -3.54
N ALA A 54 -15.70 -14.28 -4.36
CA ALA A 54 -14.34 -14.26 -4.96
C ALA A 54 -13.31 -14.76 -3.92
N SER A 55 -13.41 -16.04 -3.53
CA SER A 55 -12.54 -16.71 -2.51
C SER A 55 -11.10 -16.87 -3.02
N SER A 56 -10.17 -17.10 -2.11
CA SER A 56 -8.74 -17.30 -2.44
C SER A 56 -8.54 -18.75 -2.90
N MET A 57 -7.89 -18.93 -4.05
CA MET A 57 -7.64 -20.27 -4.67
C MET A 57 -6.19 -20.67 -4.38
N VAL A 58 -5.89 -21.95 -4.29
CA VAL A 58 -4.49 -22.40 -4.03
C VAL A 58 -3.69 -22.47 -5.34
N ASN A 59 -2.43 -21.99 -5.29
CA ASN A 59 -1.40 -22.19 -6.32
C ASN A 59 -0.77 -23.58 -6.17
N GLY A 60 -1.16 -24.51 -7.04
CA GLY A 60 -0.69 -25.92 -7.02
C GLY A 60 0.79 -26.07 -7.25
N VAL A 61 1.37 -25.24 -8.15
CA VAL A 61 2.82 -25.30 -8.39
C VAL A 61 3.58 -24.98 -7.09
N VAL A 62 3.25 -23.89 -6.39
CA VAL A 62 3.98 -23.51 -5.14
C VAL A 62 3.69 -24.56 -4.06
N ARG A 63 2.46 -25.04 -3.94
CA ARG A 63 2.13 -25.98 -2.84
C ARG A 63 2.87 -27.30 -3.05
N LEU A 64 2.92 -27.84 -4.27
CA LEU A 64 3.63 -29.14 -4.49
C LEU A 64 5.12 -28.97 -4.14
N LEU A 65 5.68 -27.79 -4.24
CA LEU A 65 7.15 -27.58 -3.94
C LEU A 65 7.41 -27.06 -2.51
N THR A 66 6.39 -27.01 -1.67
CA THR A 66 6.49 -26.59 -0.25
C THR A 66 5.76 -27.63 0.64
N LYS A 67 6.01 -28.91 0.43
CA LYS A 67 5.27 -29.99 1.12
C LYS A 67 5.37 -29.86 2.64
N PRO A 68 6.52 -29.55 3.29
CA PRO A 68 6.57 -29.55 4.75
C PRO A 68 5.52 -28.61 5.38
N TRP A 69 5.13 -27.56 4.66
CA TRP A 69 4.19 -26.51 5.16
C TRP A 69 2.74 -27.00 5.01
N ASP A 70 2.50 -28.17 4.39
CA ASP A 70 1.12 -28.73 4.28
C ASP A 70 0.53 -29.05 5.68
N ILE A 71 1.37 -29.18 6.70
CA ILE A 71 0.94 -29.56 8.07
C ILE A 71 1.16 -28.41 9.06
N ILE A 72 1.40 -27.18 8.58
CA ILE A 72 1.61 -25.99 9.45
C ILE A 72 0.35 -25.15 9.34
N PRO A 73 -0.50 -25.13 10.39
CA PRO A 73 -1.76 -24.37 10.34
C PRO A 73 -1.62 -22.88 10.01
N MET A 74 -0.55 -22.22 10.45
CA MET A 74 -0.39 -20.78 10.14
C MET A 74 -0.28 -20.59 8.61
N VAL A 75 0.22 -21.58 7.88
CA VAL A 75 0.26 -21.53 6.39
C VAL A 75 -1.09 -21.94 5.83
N THR A 76 -1.61 -23.11 6.22
CA THR A 76 -2.75 -23.76 5.54
C THR A 76 -4.04 -22.99 5.80
N GLN A 77 -4.16 -22.34 6.96
CA GLN A 77 -5.38 -21.56 7.31
C GLN A 77 -5.46 -20.27 6.48
N MET A 78 -4.35 -19.74 5.96
CA MET A 78 -4.39 -18.48 5.15
C MET A 78 -5.23 -18.67 3.90
N ALA A 79 -5.32 -19.88 3.34
CA ALA A 79 -6.05 -20.14 2.08
C ALA A 79 -7.55 -20.40 2.34
N MET A 80 -8.00 -20.51 3.60
CA MET A 80 -9.42 -20.85 3.93
C MET A 80 -10.28 -19.58 4.11
N THR A 81 -11.62 -19.75 4.14
CA THR A 81 -12.61 -18.72 4.53
C THR A 81 -13.54 -18.34 3.40
N PHE A 92 -13.87 -4.72 9.20
CA PHE A 92 -15.01 -4.55 10.14
C PHE A 92 -15.98 -3.51 9.58
N LYS A 93 -17.20 -3.93 9.22
CA LYS A 93 -18.25 -3.06 8.61
C LYS A 93 -19.05 -2.36 9.73
N GLU A 94 -18.69 -2.65 10.99
CA GLU A 94 -19.14 -1.91 12.20
C GLU A 94 -18.06 -0.90 12.62
N LYS A 95 -17.05 -0.67 11.76
CA LYS A 95 -16.05 0.42 11.88
C LYS A 95 -16.31 1.50 10.81
N VAL A 96 -16.81 1.12 9.63
CA VAL A 96 -17.22 2.10 8.58
C VAL A 96 -18.46 2.85 9.09
N ASP A 97 -19.37 2.17 9.81
CA ASP A 97 -20.56 2.81 10.43
C ASP A 97 -20.20 3.27 11.85
N THR A 98 -19.18 4.14 11.97
CA THR A 98 -18.86 4.95 13.18
C THR A 98 -18.70 6.43 12.76
N ARG A 99 -18.57 7.33 13.73
CA ARG A 99 -18.42 8.78 13.50
C ARG A 99 -17.13 9.26 14.19
N THR A 100 -16.58 10.40 13.74
CA THR A 100 -15.37 11.04 14.29
C THR A 100 -15.73 12.48 14.70
N GLN A 101 -15.58 12.81 15.98
CA GLN A 101 -15.92 14.14 16.55
C GLN A 101 -15.10 15.23 15.82
N GLU A 102 -15.66 16.44 15.72
CA GLU A 102 -14.97 17.64 15.19
C GLU A 102 -13.78 17.96 16.10
N PRO A 103 -12.56 18.12 15.56
CA PRO A 103 -11.43 18.58 16.35
C PRO A 103 -11.70 19.97 16.96
N LYS A 104 -10.98 20.30 18.02
CA LYS A 104 -11.00 21.63 18.71
C LYS A 104 -10.38 22.70 17.80
N GLU A 105 -10.52 23.96 18.18
CA GLU A 105 -10.14 25.13 17.36
C GLU A 105 -8.60 25.20 17.26
N GLY A 106 -7.90 24.99 18.38
CA GLY A 106 -6.43 24.85 18.43
C GLY A 106 -5.94 23.78 17.45
N THR A 107 -6.58 22.61 17.43
CA THR A 107 -6.20 21.46 16.57
C THR A 107 -6.38 21.83 15.09
N LYS A 108 -7.58 22.30 14.71
CA LYS A 108 -7.94 22.78 13.35
C LYS A 108 -6.96 23.83 12.84
N LYS A 109 -6.54 24.77 13.69
CA LYS A 109 -5.49 25.78 13.36
C LYS A 109 -4.12 25.12 13.13
N LEU A 110 -3.70 24.20 14.00
CA LEU A 110 -2.39 23.47 13.89
C LEU A 110 -2.35 22.73 12.55
N MET A 111 -3.43 22.05 12.21
CA MET A 111 -3.55 21.25 10.95
C MET A 111 -3.48 22.18 9.71
N LYS A 112 -4.19 23.32 9.73
CA LYS A 112 -4.28 24.28 8.60
C LYS A 112 -2.92 24.89 8.34
N ILE A 113 -2.25 25.38 9.38
CA ILE A 113 -0.89 25.98 9.25
C ILE A 113 0.06 24.89 8.71
N THR A 114 0.01 23.68 9.27
CA THR A 114 0.94 22.59 8.88
C THR A 114 0.67 22.15 7.43
N ALA A 115 -0.58 21.94 7.05
CA ALA A 115 -0.96 21.53 5.67
C ALA A 115 -0.51 22.58 4.64
N GLU A 116 -0.77 23.87 4.93
CA GLU A 116 -0.37 25.00 4.06
C GLU A 116 1.14 24.91 3.84
N TRP A 117 1.89 24.74 4.92
CA TRP A 117 3.37 24.70 4.86
C TRP A 117 3.82 23.44 4.08
N LEU A 118 3.15 22.30 4.29
CA LEU A 118 3.61 21.02 3.71
C LEU A 118 3.37 21.01 2.18
N TRP A 119 2.21 21.46 1.71
CA TRP A 119 1.93 21.55 0.25
C TRP A 119 2.96 22.44 -0.46
N LYS A 120 3.31 23.58 0.14
CA LYS A 120 4.40 24.45 -0.37
C LYS A 120 5.72 23.71 -0.42
N GLU A 121 6.13 22.99 0.63
CA GLU A 121 7.44 22.27 0.55
C GLU A 121 7.38 21.23 -0.56
N LEU A 122 6.27 20.51 -0.66
CA LEU A 122 6.16 19.38 -1.64
C LEU A 122 6.16 19.99 -3.05
N GLY A 123 5.63 21.21 -3.17
CA GLY A 123 5.45 21.94 -4.45
C GLY A 123 6.70 22.71 -4.88
N LYS A 124 7.69 22.92 -4.02
CA LYS A 124 8.88 23.75 -4.37
C LYS A 124 9.56 23.23 -5.64
N LYS A 125 9.71 21.91 -5.79
CA LYS A 125 10.48 21.33 -6.90
C LYS A 125 9.55 20.52 -7.83
N LYS A 126 8.24 20.73 -7.77
CA LYS A 126 7.30 19.94 -8.59
C LYS A 126 6.26 20.88 -9.19
N THR A 127 5.65 20.48 -10.32
CA THR A 127 4.58 21.29 -10.97
C THR A 127 3.33 20.46 -11.11
N PRO A 128 2.22 20.82 -10.44
CA PRO A 128 0.96 20.10 -10.64
C PRO A 128 0.57 20.18 -12.12
N ARG A 129 0.02 19.10 -12.65
CA ARG A 129 -0.35 18.99 -14.08
C ARG A 129 -1.40 17.87 -14.22
N MET A 130 -2.22 17.94 -15.28
CA MET A 130 -3.24 16.91 -15.59
C MET A 130 -2.55 15.69 -16.19
N CYS A 131 -3.03 14.51 -15.83
CA CYS A 131 -2.60 13.24 -16.46
C CYS A 131 -3.50 13.02 -17.68
N THR A 132 -3.03 12.26 -18.68
CA THR A 132 -3.60 12.27 -20.06
C THR A 132 -4.40 10.98 -20.30
N ARG A 133 -5.38 11.05 -21.21
CA ARG A 133 -6.07 9.85 -21.80
C ARG A 133 -5.00 8.86 -22.26
N GLU A 134 -3.96 9.36 -22.90
CA GLU A 134 -2.81 8.57 -23.40
C GLU A 134 -2.21 7.81 -22.20
N GLU A 135 -1.83 8.53 -21.14
CA GLU A 135 -1.21 7.94 -19.91
C GLU A 135 -2.18 6.93 -19.27
N PHE A 136 -3.47 7.28 -19.20
CA PHE A 136 -4.51 6.40 -18.62
C PHE A 136 -4.62 5.12 -19.46
N THR A 137 -4.72 5.26 -20.78
CA THR A 137 -4.83 4.13 -21.75
C THR A 137 -3.66 3.15 -21.55
N ARG A 138 -2.43 3.67 -21.47
CA ARG A 138 -1.21 2.84 -21.30
C ARG A 138 -1.36 2.05 -19.99
N LYS A 139 -1.75 2.72 -18.91
CA LYS A 139 -1.95 2.10 -17.57
C LYS A 139 -2.86 0.88 -17.70
N VAL A 140 -4.03 1.04 -18.35
CA VAL A 140 -5.06 -0.04 -18.44
C VAL A 140 -4.54 -1.16 -19.35
N ARG A 141 -3.72 -0.83 -20.37
CA ARG A 141 -3.14 -1.80 -21.33
C ARG A 141 -1.85 -2.41 -20.77
N SER A 142 -1.77 -2.58 -19.44
CA SER A 142 -0.63 -3.22 -18.74
C SER A 142 -1.00 -3.55 -17.29
N ASN A 143 -2.27 -3.91 -17.04
CA ASN A 143 -2.79 -4.52 -15.79
C ASN A 143 -2.27 -3.79 -14.54
N ALA A 144 -2.88 -2.65 -14.19
CA ALA A 144 -2.73 -1.98 -12.88
C ALA A 144 -4.10 -1.95 -12.19
N ALA A 145 -4.16 -2.28 -10.91
CA ALA A 145 -5.40 -2.36 -10.10
C ALA A 145 -6.01 -0.95 -9.94
N LEU A 146 -6.73 -0.46 -10.96
CA LEU A 146 -7.37 0.89 -11.00
C LEU A 146 -8.73 0.87 -10.30
N GLY A 147 -9.24 -0.32 -9.95
CA GLY A 147 -10.47 -0.50 -9.15
C GLY A 147 -11.71 0.01 -9.87
N ALA A 148 -11.92 -0.42 -11.13
CA ALA A 148 -13.13 -0.13 -11.95
C ALA A 148 -14.15 -1.27 -11.76
N ILE A 149 -15.19 -1.33 -12.60
CA ILE A 149 -16.27 -2.37 -12.56
C ILE A 149 -16.48 -2.98 -13.95
N PHE A 150 -17.25 -4.07 -14.05
CA PHE A 150 -17.62 -4.76 -15.32
C PHE A 150 -18.54 -3.85 -16.14
N ASN A 154 -23.62 -2.57 -17.21
CA ASN A 154 -22.38 -2.75 -18.01
C ASN A 154 -22.63 -2.23 -19.44
N LYS A 155 -21.65 -2.37 -20.33
CA LYS A 155 -21.69 -1.87 -21.74
C LYS A 155 -20.47 -2.41 -22.53
N TRP A 156 -19.27 -2.37 -21.93
CA TRP A 156 -18.01 -3.03 -22.40
C TRP A 156 -17.63 -4.13 -21.41
N LYS A 157 -16.88 -5.14 -21.87
CA LYS A 157 -16.42 -6.27 -21.01
C LYS A 157 -15.41 -5.75 -19.99
N SER A 158 -14.16 -5.52 -20.42
CA SER A 158 -13.01 -5.17 -19.57
C SER A 158 -12.68 -3.68 -19.72
N ALA A 159 -11.69 -3.21 -18.96
CA ALA A 159 -11.11 -1.85 -19.04
C ALA A 159 -10.49 -1.63 -20.42
N ARG A 160 -9.75 -2.63 -20.91
CA ARG A 160 -9.05 -2.61 -22.22
C ARG A 160 -10.03 -2.21 -23.34
N GLU A 161 -11.27 -2.73 -23.33
CA GLU A 161 -12.28 -2.53 -24.41
C GLU A 161 -12.89 -1.11 -24.33
N ALA A 162 -13.25 -0.65 -23.13
CA ALA A 162 -13.86 0.68 -22.88
C ALA A 162 -12.94 1.78 -23.40
N VAL A 163 -11.63 1.57 -23.28
CA VAL A 163 -10.57 2.60 -23.48
C VAL A 163 -10.38 2.84 -24.99
N GLU A 164 -10.67 1.85 -25.84
CA GLU A 164 -10.53 1.93 -27.32
C GLU A 164 -11.82 2.50 -27.94
N ASP A 165 -12.97 2.21 -27.34
CA ASP A 165 -14.32 2.65 -27.82
C ASP A 165 -14.53 4.14 -27.51
N SER A 166 -14.77 4.94 -28.55
CA SER A 166 -14.90 6.41 -28.52
C SER A 166 -16.19 6.84 -27.80
N GLY A 167 -17.16 5.94 -27.64
CA GLY A 167 -18.43 6.20 -26.94
C GLY A 167 -18.19 6.53 -25.48
N PHE A 168 -17.47 5.64 -24.77
CA PHE A 168 -16.88 5.84 -23.42
C PHE A 168 -16.46 7.30 -23.25
N TRP A 169 -15.50 7.76 -24.07
CA TRP A 169 -14.87 9.09 -23.93
C TRP A 169 -15.93 10.20 -24.07
N GLU A 170 -17.08 9.94 -24.72
CA GLU A 170 -18.20 10.92 -24.83
C GLU A 170 -18.93 10.95 -23.48
N LEU A 171 -19.06 9.80 -22.83
CA LEU A 171 -19.63 9.70 -21.46
C LEU A 171 -18.67 10.42 -20.49
N VAL A 172 -17.37 10.10 -20.59
CA VAL A 172 -16.28 10.81 -19.85
C VAL A 172 -16.40 12.31 -20.12
N ASP A 173 -16.51 12.71 -21.39
CA ASP A 173 -16.68 14.14 -21.79
C ASP A 173 -17.91 14.74 -21.09
N LYS A 174 -19.04 14.04 -21.09
CA LYS A 174 -20.29 14.62 -20.52
C LYS A 174 -20.05 14.94 -19.05
N GLU A 175 -19.55 13.97 -18.28
CA GLU A 175 -19.24 14.11 -16.83
C GLU A 175 -18.22 15.24 -16.63
N ARG A 176 -17.17 15.25 -17.46
CA ARG A 176 -16.07 16.23 -17.38
C ARG A 176 -16.64 17.64 -17.43
N ASN A 177 -17.52 17.91 -18.41
CA ASN A 177 -18.19 19.23 -18.58
C ASN A 177 -19.16 19.48 -17.41
N LEU A 178 -19.78 18.42 -16.88
CA LEU A 178 -20.61 18.52 -15.64
C LEU A 178 -19.74 18.99 -14.45
N HIS A 179 -18.56 18.40 -14.25
CA HIS A 179 -17.61 18.81 -13.17
C HIS A 179 -17.20 20.28 -13.33
N LEU A 180 -16.80 20.72 -14.53
CA LEU A 180 -16.46 22.14 -14.85
C LEU A 180 -17.64 23.06 -14.48
N GLU A 181 -18.87 22.54 -14.56
CA GLU A 181 -20.13 23.23 -14.19
C GLU A 181 -20.40 23.11 -12.68
N GLY A 182 -19.58 22.34 -11.95
CA GLY A 182 -19.68 22.15 -10.49
C GLY A 182 -20.71 21.10 -10.07
N LYS A 183 -21.03 20.15 -10.96
CA LYS A 183 -22.09 19.13 -10.76
C LYS A 183 -21.55 17.73 -11.10
N CYS A 184 -22.24 16.68 -10.67
CA CYS A 184 -21.81 15.26 -10.81
C CYS A 184 -23.04 14.37 -11.06
N GLU A 185 -22.94 13.38 -11.94
CA GLU A 185 -24.09 12.50 -12.29
C GLU A 185 -23.75 11.02 -12.11
N THR A 186 -22.51 10.60 -12.39
CA THR A 186 -22.14 9.17 -12.53
C THR A 186 -20.99 8.76 -11.60
N CYS A 187 -20.43 9.67 -10.78
CA CYS A 187 -19.28 9.36 -9.88
C CYS A 187 -19.79 8.81 -8.53
N VAL A 188 -20.09 7.50 -8.52
CA VAL A 188 -20.75 6.75 -7.42
C VAL A 188 -19.85 5.59 -6.99
N TYR A 189 -19.62 5.43 -5.69
CA TYR A 189 -18.78 4.32 -5.15
C TYR A 189 -19.63 3.05 -5.01
N ASN A 190 -18.97 1.90 -5.10
CA ASN A 190 -19.51 0.53 -4.87
C ASN A 190 -18.68 -0.17 -3.79
N MET A 191 -19.26 -0.41 -2.61
CA MET A 191 -18.55 -0.99 -1.43
C MET A 191 -18.38 -2.50 -1.63
N MET A 192 -17.37 -3.10 -1.01
CA MET A 192 -17.06 -4.56 -1.05
C MET A 192 -15.89 -4.89 -0.11
N ALA A 210 -11.94 -2.30 3.20
CA ALA A 210 -13.19 -1.95 2.51
C ALA A 210 -12.85 -1.19 1.22
N ILE A 211 -12.95 -1.86 0.06
CA ILE A 211 -12.49 -1.33 -1.26
C ILE A 211 -13.70 -0.76 -2.00
N TRP A 212 -13.64 0.53 -2.34
CA TRP A 212 -14.71 1.28 -3.03
C TRP A 212 -14.37 1.36 -4.52
N TYR A 213 -14.88 0.43 -5.33
CA TYR A 213 -14.77 0.44 -6.82
C TYR A 213 -15.67 1.55 -7.36
N MET A 214 -15.25 2.17 -8.48
CA MET A 214 -16.05 3.15 -9.28
C MET A 214 -16.05 2.65 -10.72
N TRP A 215 -16.86 3.24 -11.60
CA TRP A 215 -16.81 2.94 -13.06
C TRP A 215 -15.55 3.62 -13.65
N LEU A 216 -15.01 3.05 -14.72
CA LEU A 216 -13.70 3.45 -15.31
C LEU A 216 -13.69 4.96 -15.59
N GLY A 217 -14.82 5.53 -16.02
CA GLY A 217 -14.98 6.96 -16.33
C GLY A 217 -14.64 7.88 -15.16
N ALA A 218 -15.29 7.67 -14.01
CA ALA A 218 -15.04 8.40 -12.73
C ALA A 218 -13.56 8.24 -12.32
N ARG A 219 -13.00 7.04 -12.54
CA ARG A 219 -11.59 6.71 -12.21
C ARG A 219 -10.66 7.55 -13.09
N PHE A 220 -11.04 7.74 -14.36
CA PHE A 220 -10.24 8.56 -15.30
C PHE A 220 -10.18 9.99 -14.77
N LEU A 221 -11.34 10.56 -14.47
CA LEU A 221 -11.48 11.97 -14.04
C LEU A 221 -10.72 12.19 -12.71
N GLU A 222 -10.72 11.18 -11.83
CA GLU A 222 -9.88 11.23 -10.61
C GLU A 222 -8.40 11.27 -11.05
N PHE A 223 -7.98 10.42 -11.99
CA PHE A 223 -6.56 10.26 -12.41
C PHE A 223 -6.08 11.51 -13.13
N GLU A 224 -6.96 12.09 -13.93
CA GLU A 224 -6.64 13.31 -14.74
C GLU A 224 -6.32 14.45 -13.77
N ALA A 225 -7.04 14.54 -12.65
CA ALA A 225 -6.96 15.70 -11.75
C ALA A 225 -5.88 15.50 -10.69
N LEU A 226 -5.64 14.26 -10.25
CA LEU A 226 -4.84 14.00 -9.01
C LEU A 226 -3.78 12.93 -9.21
N GLY A 227 -3.70 12.33 -10.41
CA GLY A 227 -2.69 11.29 -10.72
C GLY A 227 -1.27 11.80 -10.62
N PHE A 228 -1.08 13.09 -10.84
CA PHE A 228 0.26 13.72 -10.81
C PHE A 228 0.94 13.43 -9.47
N LEU A 229 0.19 13.29 -8.37
CA LEU A 229 0.82 13.04 -7.05
C LEU A 229 1.66 11.75 -7.10
N ASN A 230 1.12 10.71 -7.72
CA ASN A 230 1.83 9.42 -7.88
C ASN A 230 2.72 9.44 -9.13
N GLU A 231 2.19 9.85 -10.28
CA GLU A 231 2.93 9.79 -11.57
C GLU A 231 4.24 10.60 -11.50
N ASP A 232 4.27 11.73 -10.77
CA ASP A 232 5.45 12.64 -10.68
C ASP A 232 6.08 12.56 -9.28
N HIS A 233 5.75 11.54 -8.51
CA HIS A 233 6.54 11.11 -7.33
C HIS A 233 6.63 12.22 -6.29
N TRP A 234 5.50 12.83 -5.95
CA TRP A 234 5.43 13.90 -4.91
C TRP A 234 5.89 13.35 -3.53
N PHE A 235 5.67 12.06 -3.27
CA PHE A 235 6.01 11.41 -1.97
C PHE A 235 7.27 10.55 -2.07
N SER A 236 8.10 10.72 -3.11
CA SER A 236 9.49 10.19 -3.09
C SER A 236 10.19 10.69 -1.82
N ARG A 237 11.21 10.00 -1.34
CA ARG A 237 12.03 10.49 -0.21
C ARG A 237 12.76 11.79 -0.60
N GLU A 238 13.30 11.87 -1.82
CA GLU A 238 14.01 13.09 -2.29
C GLU A 238 13.06 14.29 -2.17
N ASN A 239 11.80 14.17 -2.58
CA ASN A 239 10.86 15.30 -2.63
C ASN A 239 10.22 15.61 -1.26
N SER A 240 9.79 14.61 -0.48
CA SER A 240 8.91 14.76 0.73
C SER A 240 9.70 14.58 2.05
N LEU A 241 10.91 14.02 2.01
CA LEU A 241 11.87 13.76 3.13
C LEU A 241 11.37 12.65 4.05
N SER A 242 10.08 12.60 4.35
CA SER A 242 9.43 11.54 5.17
C SER A 242 8.98 10.37 4.32
N GLY A 243 8.60 10.62 3.07
CA GLY A 243 8.01 9.59 2.19
C GLY A 243 9.00 8.52 1.75
N VAL A 244 8.48 7.43 1.21
CA VAL A 244 9.26 6.30 0.65
C VAL A 244 8.62 5.83 -0.67
N GLU A 245 7.80 6.66 -1.31
CA GLU A 245 7.11 6.25 -2.57
C GLU A 245 8.16 5.89 -3.62
N GLY A 246 8.04 4.74 -4.26
CA GLY A 246 9.01 4.28 -5.29
C GLY A 246 10.28 3.68 -4.71
N GLU A 247 10.43 3.57 -3.39
CA GLU A 247 11.77 3.29 -2.81
C GLU A 247 12.11 1.82 -3.02
N GLY A 248 11.20 0.88 -2.82
CA GLY A 248 11.57 -0.57 -2.93
C GLY A 248 11.91 -1.18 -1.56
N LEU A 249 11.52 -2.44 -1.37
N LEU A 249 11.46 -2.43 -1.34
CA LEU A 249 11.64 -3.15 -0.07
CA LEU A 249 11.66 -3.19 -0.07
C LEU A 249 13.12 -3.33 0.29
C LEU A 249 13.14 -3.23 0.29
N HIS A 250 14.01 -3.37 -0.71
CA HIS A 250 15.49 -3.44 -0.52
C HIS A 250 16.08 -2.09 -0.08
N LYS A 251 15.29 -1.02 -0.02
CA LYS A 251 15.79 0.30 0.42
C LYS A 251 15.27 0.63 1.82
N LEU A 252 14.13 0.06 2.20
CA LEU A 252 13.42 0.51 3.42
C LEU A 252 14.29 0.30 4.67
N GLY A 253 15.02 -0.83 4.75
CA GLY A 253 15.89 -1.08 5.90
C GLY A 253 16.99 -0.03 5.98
N TYR A 254 17.62 0.29 4.86
CA TYR A 254 18.69 1.31 4.84
C TYR A 254 18.12 2.67 5.28
N ILE A 255 16.91 2.98 4.87
CA ILE A 255 16.25 4.26 5.27
C ILE A 255 16.02 4.26 6.79
N LEU A 256 15.51 3.18 7.38
CA LEU A 256 15.29 3.14 8.84
C LEU A 256 16.63 3.24 9.58
N ARG A 257 17.70 2.60 9.07
CA ARG A 257 19.04 2.69 9.71
C ARG A 257 19.53 4.14 9.63
N ASP A 258 19.23 4.87 8.56
CA ASP A 258 19.63 6.32 8.44
C ASP A 258 18.84 7.16 9.47
N VAL A 259 17.54 6.94 9.64
CA VAL A 259 16.74 7.62 10.70
C VAL A 259 17.37 7.30 12.07
N SER A 260 17.81 6.06 12.30
CA SER A 260 18.38 5.63 13.60
C SER A 260 19.64 6.45 13.93
N LYS A 261 20.35 6.97 12.94
CA LYS A 261 21.66 7.66 13.15
C LYS A 261 21.48 9.07 13.73
N LYS A 262 20.26 9.60 13.68
CA LYS A 262 19.93 10.94 14.22
C LYS A 262 20.01 10.88 15.74
N GLU A 263 20.43 11.98 16.38
CA GLU A 263 20.34 12.08 17.85
C GLU A 263 18.86 12.15 18.18
N GLY A 264 18.40 11.40 19.18
CA GLY A 264 17.06 11.60 19.73
C GLY A 264 16.63 10.45 20.61
N GLY A 265 15.34 10.29 20.78
CA GLY A 265 14.80 9.25 21.67
C GLY A 265 14.57 7.94 20.93
N ALA A 266 13.66 7.13 21.46
CA ALA A 266 13.27 5.82 20.91
C ALA A 266 12.71 6.02 19.49
N MET A 267 12.57 4.94 18.74
CA MET A 267 11.84 4.94 17.44
C MET A 267 10.40 4.51 17.73
N TYR A 268 9.43 5.34 17.36
CA TYR A 268 8.00 5.08 17.61
C TYR A 268 7.38 4.62 16.30
N ALA A 269 6.56 3.58 16.37
CA ALA A 269 5.89 2.99 15.19
C ALA A 269 4.47 2.65 15.59
N ASP A 270 3.66 3.66 15.89
CA ASP A 270 2.29 3.43 16.43
C ASP A 270 1.39 3.21 15.22
N ASP A 271 0.60 2.15 15.20
CA ASP A 271 -0.43 1.91 14.15
C ASP A 271 -1.71 2.65 14.56
N THR A 272 -2.42 3.22 13.59
CA THR A 272 -3.76 3.82 13.84
C THR A 272 -4.81 2.72 13.71
N ALA A 273 -5.81 2.72 14.59
CA ALA A 273 -7.01 1.86 14.45
C ALA A 273 -7.90 2.39 13.30
N GLY A 274 -7.94 1.67 12.17
CA GLY A 274 -8.79 1.96 10.99
C GLY A 274 -8.59 3.39 10.45
N TRP A 275 -7.38 3.69 10.00
CA TRP A 275 -6.98 5.02 9.50
C TRP A 275 -8.04 5.63 8.57
N ASP A 276 -8.49 4.89 7.55
CA ASP A 276 -9.38 5.40 6.47
C ASP A 276 -10.70 5.90 7.07
N THR A 277 -11.17 5.26 8.16
CA THR A 277 -12.44 5.62 8.85
C THR A 277 -12.24 6.83 9.78
N ARG A 278 -11.01 7.26 10.07
CA ARG A 278 -10.72 8.39 11.01
C ARG A 278 -10.34 9.66 10.25
N ILE A 279 -10.43 9.66 8.93
CA ILE A 279 -10.20 10.85 8.09
C ILE A 279 -11.41 11.78 8.28
N THR A 280 -11.18 12.96 8.85
CA THR A 280 -12.25 13.93 9.19
C THR A 280 -12.52 14.82 8.00
N LEU A 281 -13.60 15.61 8.07
CA LEU A 281 -13.89 16.57 7.00
C LEU A 281 -12.79 17.65 7.02
N GLU A 282 -12.23 17.96 8.19
CA GLU A 282 -11.13 18.95 8.32
C GLU A 282 -9.87 18.44 7.59
N ASP A 283 -9.58 17.13 7.69
CA ASP A 283 -8.50 16.45 6.90
C ASP A 283 -8.75 16.62 5.39
N LEU A 284 -9.95 16.29 4.90
CA LEU A 284 -10.31 16.40 3.46
C LEU A 284 -10.16 17.86 2.95
N LYS A 285 -10.36 18.87 3.80
CA LYS A 285 -10.24 20.31 3.44
C LYS A 285 -8.76 20.72 3.40
N ASN A 286 -7.94 20.19 4.31
CA ASN A 286 -6.49 20.47 4.26
C ASN A 286 -5.88 19.79 3.01
N GLU A 287 -6.36 18.60 2.65
CA GLU A 287 -5.87 17.86 1.45
C GLU A 287 -6.21 18.68 0.18
N GLU A 288 -7.43 19.24 0.13
N GLU A 288 -7.43 19.24 0.14
CA GLU A 288 -7.92 20.01 -1.05
CA GLU A 288 -7.97 20.04 -0.99
C GLU A 288 -7.04 21.23 -1.32
C GLU A 288 -7.06 21.24 -1.30
N MET A 289 -6.34 21.75 -0.31
CA MET A 289 -5.46 22.93 -0.50
C MET A 289 -4.34 22.69 -1.54
N VAL A 290 -4.11 21.45 -1.99
CA VAL A 290 -3.18 21.23 -3.13
C VAL A 290 -3.68 22.03 -4.35
N THR A 291 -4.99 22.22 -4.50
CA THR A 291 -5.61 23.00 -5.62
C THR A 291 -5.16 24.48 -5.63
N ASN A 292 -4.72 25.03 -4.49
CA ASN A 292 -4.15 26.41 -4.39
C ASN A 292 -2.89 26.56 -5.23
N HIS A 293 -2.28 25.45 -5.64
CA HIS A 293 -1.00 25.41 -6.40
C HIS A 293 -1.28 25.18 -7.89
N MET A 294 -2.54 25.03 -8.28
CA MET A 294 -2.97 24.68 -9.65
C MET A 294 -3.49 25.95 -10.35
N GLU A 295 -3.87 25.83 -11.61
CA GLU A 295 -4.37 26.96 -12.44
C GLU A 295 -5.26 26.42 -13.55
N GLY A 296 -6.08 27.30 -14.12
CA GLY A 296 -6.91 27.04 -15.32
C GLY A 296 -7.89 25.91 -15.06
N GLU A 297 -8.08 25.09 -16.10
CA GLU A 297 -8.92 23.88 -16.16
C GLU A 297 -8.58 22.97 -14.97
N HIS A 298 -7.31 22.61 -14.84
CA HIS A 298 -6.80 21.66 -13.81
C HIS A 298 -7.36 22.06 -12.44
N LYS A 299 -7.13 23.31 -12.02
CA LYS A 299 -7.63 23.81 -10.72
C LYS A 299 -9.11 23.46 -10.58
N LYS A 300 -9.92 23.67 -11.62
CA LYS A 300 -11.40 23.49 -11.53
C LYS A 300 -11.72 22.01 -11.46
N LEU A 301 -11.07 21.20 -12.31
CA LEU A 301 -11.26 19.72 -12.36
C LEU A 301 -10.87 19.10 -11.00
N ALA A 302 -9.73 19.49 -10.41
CA ALA A 302 -9.25 19.00 -9.08
C ALA A 302 -10.26 19.42 -8.00
N GLU A 303 -10.69 20.68 -8.04
CA GLU A 303 -11.66 21.26 -7.07
C GLU A 303 -12.95 20.43 -7.06
N ALA A 304 -13.39 19.93 -8.22
CA ALA A 304 -14.64 19.15 -8.35
C ALA A 304 -14.44 17.72 -7.83
N ILE A 305 -13.30 17.08 -8.10
CA ILE A 305 -13.01 15.75 -7.48
C ILE A 305 -13.17 15.89 -5.96
N PHE A 306 -12.48 16.84 -5.33
CA PHE A 306 -12.48 17.04 -3.85
C PHE A 306 -13.91 17.36 -3.35
N LYS A 307 -14.59 18.36 -3.95
CA LYS A 307 -15.96 18.80 -3.56
C LYS A 307 -16.99 17.68 -3.73
N LEU A 308 -17.05 17.07 -4.92
CA LEU A 308 -18.24 16.31 -5.37
C LEU A 308 -18.09 14.82 -5.07
N THR A 309 -16.87 14.28 -5.05
CA THR A 309 -16.61 12.82 -4.90
C THR A 309 -15.93 12.50 -3.56
N TYR A 310 -15.17 13.42 -2.95
CA TYR A 310 -14.38 13.10 -1.72
C TYR A 310 -15.10 13.68 -0.49
N GLN A 311 -15.48 14.96 -0.52
CA GLN A 311 -16.12 15.68 0.62
C GLN A 311 -17.63 15.49 0.60
N ASN A 312 -18.17 14.87 -0.46
CA ASN A 312 -19.55 14.33 -0.57
C ASN A 312 -19.42 13.03 -1.34
N LYS A 313 -20.02 11.93 -0.86
CA LYS A 313 -19.90 10.61 -1.54
C LYS A 313 -21.29 9.98 -1.63
N VAL A 314 -21.44 9.13 -2.63
CA VAL A 314 -22.66 8.32 -2.85
C VAL A 314 -22.15 6.90 -3.07
N VAL A 315 -22.71 5.94 -2.36
CA VAL A 315 -22.17 4.57 -2.31
C VAL A 315 -23.33 3.58 -2.43
N ARG A 316 -23.08 2.46 -3.10
CA ARG A 316 -24.06 1.35 -3.20
C ARG A 316 -23.45 0.12 -2.50
N VAL A 317 -24.23 -0.51 -1.62
CA VAL A 317 -23.75 -1.60 -0.70
C VAL A 317 -24.71 -2.80 -0.81
N GLN A 318 -24.14 -4.00 -0.94
CA GLN A 318 -24.84 -5.32 -0.87
C GLN A 318 -25.33 -5.56 0.56
N ARG A 319 -26.64 -5.69 0.75
CA ARG A 319 -27.28 -6.14 2.02
C ARG A 319 -28.03 -7.45 1.76
N PRO A 320 -27.83 -8.53 2.58
CA PRO A 320 -28.46 -9.83 2.32
C PRO A 320 -29.95 -9.93 2.68
N THR A 321 -30.48 -8.96 3.42
CA THR A 321 -31.89 -8.91 3.89
C THR A 321 -32.81 -8.72 2.68
N THR A 325 -31.67 -9.95 -0.99
CA THR A 325 -30.48 -9.11 -1.33
C THR A 325 -30.95 -7.84 -2.05
N VAL A 326 -30.85 -6.68 -1.38
CA VAL A 326 -31.11 -5.34 -1.99
C VAL A 326 -29.79 -4.63 -2.23
N MET A 327 -29.85 -3.43 -2.82
CA MET A 327 -28.73 -2.46 -2.93
C MET A 327 -29.13 -1.19 -2.18
N ASP A 328 -28.35 -0.79 -1.18
CA ASP A 328 -28.57 0.45 -0.39
C ASP A 328 -27.76 1.60 -1.00
N ILE A 329 -28.41 2.74 -1.21
CA ILE A 329 -27.78 3.98 -1.72
C ILE A 329 -27.63 4.91 -0.51
N ILE A 330 -26.39 5.02 -0.03
CA ILE A 330 -26.04 5.77 1.21
C ILE A 330 -25.05 6.87 0.83
N SER A 331 -25.01 7.94 1.62
CA SER A 331 -24.08 9.07 1.43
C SER A 331 -23.36 9.35 2.76
N ARG A 332 -22.16 9.94 2.71
CA ARG A 332 -21.53 10.63 3.85
C ARG A 332 -20.49 11.62 3.34
N ARG A 333 -20.06 12.52 4.22
CA ARG A 333 -19.18 13.65 3.88
C ARG A 333 -17.72 13.30 4.17
N ASP A 334 -17.44 12.53 5.23
CA ASP A 334 -16.09 12.28 5.75
C ASP A 334 -15.64 10.83 5.45
N GLN A 335 -14.49 10.43 6.01
CA GLN A 335 -13.79 9.15 5.75
C GLN A 335 -13.12 9.18 4.37
N ARG A 336 -12.15 8.29 4.19
CA ARG A 336 -11.41 8.06 2.93
C ARG A 336 -12.16 7.03 2.09
N GLY A 337 -12.32 7.35 0.83
CA GLY A 337 -13.02 6.56 -0.20
C GLY A 337 -12.69 7.16 -1.55
N SER A 338 -11.45 6.94 -1.97
CA SER A 338 -10.86 7.39 -3.26
C SER A 338 -10.28 6.16 -3.94
N GLY A 339 -9.72 6.32 -5.14
CA GLY A 339 -8.86 5.29 -5.74
C GLY A 339 -7.73 4.96 -4.78
N GLN A 340 -7.24 3.71 -4.79
CA GLN A 340 -6.21 3.24 -3.83
C GLN A 340 -4.90 3.99 -4.06
N VAL A 341 -4.59 4.49 -5.26
CA VAL A 341 -3.30 5.21 -5.47
C VAL A 341 -3.39 6.65 -4.98
N VAL A 342 -4.50 7.36 -5.26
CA VAL A 342 -4.72 8.71 -4.63
C VAL A 342 -4.85 8.55 -3.12
N THR A 343 -5.57 7.54 -2.65
CA THR A 343 -5.66 7.23 -1.19
C THR A 343 -4.25 7.13 -0.59
N TYR A 344 -3.32 6.45 -1.25
CA TYR A 344 -1.96 6.26 -0.71
C TYR A 344 -1.32 7.64 -0.50
N GLY A 345 -1.35 8.52 -1.51
CA GLY A 345 -0.64 9.81 -1.44
C GLY A 345 -1.29 10.73 -0.42
N LEU A 346 -2.61 10.75 -0.34
CA LEU A 346 -3.28 11.68 0.59
C LEU A 346 -3.14 11.16 2.04
N ASN A 347 -3.22 9.84 2.25
CA ASN A 347 -2.88 9.19 3.55
C ASN A 347 -1.46 9.59 3.93
N THR A 348 -0.48 9.48 3.04
CA THR A 348 0.93 9.86 3.36
C THR A 348 0.99 11.32 3.80
N PHE A 349 0.32 12.20 3.05
CA PHE A 349 0.31 13.65 3.32
C PHE A 349 -0.23 13.94 4.73
N THR A 350 -1.40 13.39 5.03
CA THR A 350 -2.14 13.69 6.28
C THR A 350 -1.39 13.02 7.45
N ASN A 351 -0.76 11.87 7.22
CA ASN A 351 0.07 11.19 8.25
C ASN A 351 1.32 12.05 8.51
N MET A 352 1.94 12.63 7.46
CA MET A 352 3.13 13.48 7.67
C MET A 352 2.72 14.68 8.54
N GLU A 353 1.58 15.25 8.23
CA GLU A 353 1.00 16.44 8.94
C GLU A 353 0.78 16.07 10.42
N ALA A 354 0.04 15.00 10.68
CA ALA A 354 -0.29 14.49 12.03
C ALA A 354 0.98 14.25 12.85
N GLN A 355 2.02 13.65 12.25
CA GLN A 355 3.22 13.31 13.03
C GLN A 355 4.08 14.55 13.29
N LEU A 356 4.13 15.55 12.39
CA LEU A 356 4.83 16.85 12.68
C LEU A 356 4.13 17.53 13.87
N ILE A 357 2.81 17.50 13.92
CA ILE A 357 2.04 18.12 15.04
C ILE A 357 2.36 17.35 16.33
N ARG A 358 2.37 16.01 16.29
CA ARG A 358 2.72 15.23 17.50
C ARG A 358 4.13 15.58 17.93
N GLN A 359 5.08 15.72 16.99
CA GLN A 359 6.42 16.23 17.30
C GLN A 359 6.30 17.64 17.93
N MET A 360 5.54 18.58 17.38
CA MET A 360 5.41 19.94 17.98
C MET A 360 4.92 19.81 19.44
N GLU A 361 3.91 19.00 19.71
CA GLU A 361 3.38 18.78 21.06
C GLU A 361 4.51 18.32 21.98
N GLY A 362 5.31 17.34 21.59
CA GLY A 362 6.39 16.81 22.44
C GLY A 362 7.43 17.90 22.75
N GLU A 363 7.70 18.78 21.79
CA GLU A 363 8.76 19.81 21.93
C GLU A 363 8.19 21.05 22.63
N GLY A 364 6.92 21.04 23.02
CA GLY A 364 6.29 22.17 23.73
C GLY A 364 6.10 23.40 22.87
N VAL A 365 5.84 23.26 21.55
CA VAL A 365 5.71 24.42 20.62
C VAL A 365 4.41 25.16 20.94
N PHE A 366 3.39 24.40 21.36
CA PHE A 366 2.07 24.91 21.81
C PHE A 366 1.72 24.21 23.12
N LYS A 367 0.84 24.82 23.93
CA LYS A 367 0.55 24.39 25.31
C LYS A 367 -0.75 23.60 25.32
N SER A 368 -1.74 24.00 24.51
CA SER A 368 -3.10 23.39 24.54
C SER A 368 -3.78 23.43 23.16
N ILE A 369 -4.58 22.39 22.89
CA ILE A 369 -5.29 22.15 21.61
C ILE A 369 -6.61 22.92 21.64
N GLN A 370 -6.97 23.44 22.82
CA GLN A 370 -8.26 24.16 23.00
C GLN A 370 -8.20 25.41 22.12
N HIS A 371 -7.06 26.10 22.13
CA HIS A 371 -6.92 27.42 21.49
C HIS A 371 -5.44 27.72 21.30
N LEU A 372 -5.06 28.10 20.07
CA LEU A 372 -3.75 28.69 19.74
C LEU A 372 -3.86 30.20 19.92
N THR A 373 -3.03 30.76 20.80
CA THR A 373 -2.85 32.22 20.97
C THR A 373 -2.22 32.74 19.68
N VAL A 374 -2.25 34.06 19.46
CA VAL A 374 -1.69 34.69 18.23
C VAL A 374 -0.20 34.37 18.15
N THR A 375 0.51 34.37 19.28
CA THR A 375 1.98 34.21 19.34
C THR A 375 2.35 32.71 19.24
N GLU A 376 1.43 31.80 19.60
CA GLU A 376 1.68 30.34 19.39
C GLU A 376 1.67 30.09 17.88
N GLU A 377 0.74 30.70 17.14
CA GLU A 377 0.64 30.60 15.66
C GLU A 377 1.98 30.95 15.02
N ILE A 378 2.61 32.03 15.46
CA ILE A 378 3.89 32.52 14.87
C ILE A 378 5.02 31.56 15.27
N ALA A 379 4.97 31.01 16.48
CA ALA A 379 5.96 30.02 16.97
C ALA A 379 5.86 28.73 16.13
N VAL A 380 4.63 28.24 15.89
CA VAL A 380 4.34 27.05 15.04
C VAL A 380 4.90 27.30 13.64
N LYS A 381 4.51 28.42 13.00
CA LYS A 381 5.01 28.80 11.64
C LYS A 381 6.54 28.81 11.66
N ASN A 382 7.11 29.39 12.72
CA ASN A 382 8.58 29.64 12.84
C ASN A 382 9.33 28.33 13.05
N TRP A 383 8.76 27.43 13.86
CA TRP A 383 9.27 26.03 14.04
C TRP A 383 9.38 25.35 12.66
N LEU A 384 8.28 25.37 11.91
CA LEU A 384 8.19 24.77 10.55
C LEU A 384 9.30 25.30 9.64
N VAL A 385 9.42 26.63 9.54
CA VAL A 385 10.43 27.31 8.67
C VAL A 385 11.82 26.95 9.18
N ARG A 386 12.04 26.95 10.49
CA ARG A 386 13.36 26.73 11.11
C ARG A 386 13.75 25.23 11.10
N VAL A 387 12.85 24.31 11.46
CA VAL A 387 13.29 22.89 11.66
C VAL A 387 12.37 21.87 10.96
N GLY A 388 11.30 22.32 10.29
CA GLY A 388 10.29 21.44 9.65
C GLY A 388 10.96 20.38 8.78
N ARG A 389 11.85 20.78 7.88
CA ARG A 389 12.53 19.82 6.97
C ARG A 389 13.36 18.82 7.80
N GLU A 390 14.04 19.26 8.86
CA GLU A 390 14.84 18.33 9.72
C GLU A 390 13.90 17.30 10.36
N ARG A 391 12.73 17.76 10.79
CA ARG A 391 11.73 16.95 11.52
C ARG A 391 11.06 15.96 10.55
N LEU A 392 10.91 16.32 9.27
CA LEU A 392 10.38 15.38 8.25
C LEU A 392 11.40 14.24 8.05
N SER A 393 12.68 14.56 8.05
CA SER A 393 13.76 13.59 7.79
C SER A 393 13.86 12.59 8.94
N ARG A 394 13.19 12.83 10.07
CA ARG A 394 13.22 11.93 11.26
C ARG A 394 12.13 10.88 11.13
N MET A 395 11.42 10.87 10.01
CA MET A 395 10.25 9.99 9.80
C MET A 395 10.38 9.15 8.51
N ALA A 396 9.81 7.94 8.54
CA ALA A 396 9.53 7.13 7.35
C ALA A 396 8.03 6.86 7.35
N ILE A 397 7.34 7.35 6.33
CA ILE A 397 5.87 7.34 6.26
C ILE A 397 5.42 6.77 4.90
N SER A 398 4.65 5.70 4.99
CA SER A 398 4.04 4.95 3.87
C SER A 398 2.55 4.89 4.10
N GLY A 399 1.81 5.86 3.53
CA GLY A 399 0.38 5.99 3.84
C GLY A 399 0.11 6.04 5.33
N ASP A 400 -0.72 5.13 5.86
CA ASP A 400 -1.08 5.15 7.30
C ASP A 400 0.05 4.61 8.18
N ASP A 401 1.13 4.14 7.60
CA ASP A 401 2.21 3.44 8.35
C ASP A 401 3.32 4.46 8.62
N CYS A 402 3.75 4.63 9.87
CA CYS A 402 4.87 5.54 10.18
C CYS A 402 5.88 4.93 11.15
N VAL A 403 7.09 5.45 11.04
CA VAL A 403 8.20 5.34 12.02
C VAL A 403 8.70 6.77 12.24
N VAL A 404 8.82 7.15 13.50
CA VAL A 404 9.25 8.52 13.91
C VAL A 404 10.38 8.37 14.91
N LYS A 405 11.52 9.00 14.67
CA LYS A 405 12.56 9.20 15.69
C LYS A 405 12.54 10.66 16.17
N PRO A 406 11.77 10.97 17.24
CA PRO A 406 11.64 12.35 17.71
C PRO A 406 12.90 12.86 18.41
N LEU A 407 12.90 14.16 18.67
CA LEU A 407 14.04 14.86 19.34
C LEU A 407 14.32 14.19 20.71
N ASP A 408 13.30 13.68 21.39
CA ASP A 408 13.45 13.02 22.72
C ASP A 408 12.17 12.27 23.05
N ASP A 409 12.07 11.64 24.21
CA ASP A 409 10.93 10.76 24.53
C ASP A 409 9.73 11.53 25.10
N ARG A 410 9.71 12.86 25.13
CA ARG A 410 8.45 13.58 25.50
C ARG A 410 7.35 13.22 24.51
N PHE A 411 7.71 12.92 23.26
CA PHE A 411 6.83 12.42 22.18
C PHE A 411 5.92 11.29 22.67
N ALA A 412 6.44 10.34 23.46
CA ALA A 412 5.72 9.12 23.91
C ALA A 412 4.38 9.47 24.59
N SER A 413 4.32 10.57 25.35
CA SER A 413 3.12 10.97 26.13
C SER A 413 2.47 12.23 25.53
N ALA A 414 2.86 12.65 24.32
CA ALA A 414 2.26 13.81 23.63
C ALA A 414 1.08 13.29 22.80
N LEU A 415 -0.09 13.13 23.44
CA LEU A 415 -1.22 12.36 22.85
C LEU A 415 -2.45 13.24 22.59
N THR A 416 -2.46 14.53 22.97
CA THR A 416 -3.74 15.32 22.96
C THR A 416 -4.13 15.66 21.51
N ALA A 417 -3.20 16.20 20.72
CA ALA A 417 -3.43 16.51 19.28
C ALA A 417 -3.74 15.19 18.54
N LEU A 418 -2.92 14.15 18.70
CA LEU A 418 -3.13 12.88 17.95
C LEU A 418 -4.54 12.35 18.20
N ASN A 419 -4.97 12.31 19.47
CA ASN A 419 -6.29 11.78 19.85
C ASN A 419 -7.38 12.75 19.33
N ASP A 420 -7.19 14.06 19.44
CA ASP A 420 -8.21 15.07 19.02
C ASP A 420 -8.32 15.13 17.48
N MET A 421 -7.25 14.80 16.73
CA MET A 421 -7.33 14.69 15.24
C MET A 421 -8.11 13.43 14.83
N GLY A 422 -8.37 12.51 15.77
CA GLY A 422 -9.08 11.24 15.55
C GLY A 422 -8.15 10.09 15.20
N LYS A 423 -6.84 10.29 15.23
CA LYS A 423 -5.83 9.26 14.83
C LYS A 423 -5.45 8.42 16.06
N VAL A 424 -6.45 7.73 16.61
CA VAL A 424 -6.38 6.93 17.88
C VAL A 424 -5.54 5.69 17.60
N ARG A 425 -4.58 5.42 18.48
CA ARG A 425 -3.61 4.31 18.32
C ARG A 425 -4.32 2.98 18.57
N LYS A 426 -3.89 1.94 17.85
CA LYS A 426 -4.35 0.53 17.93
C LYS A 426 -3.70 -0.16 19.15
N ASP A 427 -4.44 -0.98 19.90
CA ASP A 427 -3.86 -1.98 20.85
C ASP A 427 -3.04 -1.30 21.97
N ILE A 428 -3.55 -0.18 22.49
CA ILE A 428 -2.98 0.55 23.66
C ILE A 428 -4.10 1.49 24.13
N GLN A 429 -4.17 1.79 25.41
CA GLN A 429 -5.29 2.57 26.01
C GLN A 429 -5.09 4.04 25.64
N GLN A 430 -6.18 4.74 25.44
CA GLN A 430 -6.17 6.08 24.81
C GLN A 430 -5.01 6.92 25.36
N TRP A 431 -4.78 6.91 26.68
CA TRP A 431 -3.87 7.90 27.32
C TRP A 431 -2.57 7.29 27.86
N GLU A 432 -2.36 5.99 27.62
N GLU A 432 -2.35 6.00 27.57
CA GLU A 432 -1.11 5.27 28.00
CA GLU A 432 -1.13 5.23 27.94
C GLU A 432 0.00 5.72 27.05
C GLU A 432 0.01 5.70 27.04
N PRO A 433 1.20 6.06 27.56
CA PRO A 433 2.30 6.48 26.68
C PRO A 433 2.74 5.42 25.68
N SER A 434 3.14 5.83 24.47
CA SER A 434 3.61 4.88 23.45
C SER A 434 4.83 4.08 23.95
N ARG A 435 4.86 2.79 23.62
CA ARG A 435 6.06 1.90 23.70
C ARG A 435 6.94 2.15 22.47
N GLY A 436 8.14 2.68 22.65
CA GLY A 436 9.09 2.89 21.55
C GLY A 436 10.07 1.73 21.40
N TRP A 437 10.87 1.74 20.33
CA TRP A 437 11.86 0.69 20.04
C TRP A 437 13.26 1.29 20.22
N ASN A 438 14.13 0.54 20.90
CA ASN A 438 15.52 0.99 21.13
C ASN A 438 16.44 0.59 20.00
N ASP A 439 16.03 -0.29 19.09
CA ASP A 439 16.96 -0.84 18.06
C ASP A 439 16.19 -0.85 16.73
N TRP A 440 16.71 -0.17 15.73
CA TRP A 440 16.08 -0.01 14.38
C TRP A 440 15.79 -1.41 13.78
N THR A 441 16.55 -2.42 14.17
CA THR A 441 16.37 -3.81 13.63
C THR A 441 15.14 -4.52 14.20
N GLN A 442 14.49 -3.91 15.20
N GLN A 442 14.50 -3.93 15.21
CA GLN A 442 13.28 -4.45 15.87
CA GLN A 442 13.28 -4.45 15.87
C GLN A 442 12.03 -3.72 15.38
C GLN A 442 12.04 -3.72 15.36
N VAL A 443 12.19 -2.54 14.76
CA VAL A 443 11.06 -1.64 14.39
C VAL A 443 10.23 -2.28 13.29
N PRO A 444 8.88 -2.38 13.44
CA PRO A 444 8.04 -2.83 12.35
C PRO A 444 7.79 -1.71 11.32
N PHE A 445 7.80 -2.02 10.03
CA PHE A 445 7.46 -1.03 8.96
C PHE A 445 7.06 -1.80 7.69
N CYS A 446 5.92 -1.44 7.11
CA CYS A 446 5.41 -2.01 5.83
C CYS A 446 5.39 -3.55 5.94
N SER A 447 4.94 -4.07 7.09
CA SER A 447 4.75 -5.51 7.40
C SER A 447 6.08 -6.26 7.55
N HIS A 448 7.21 -5.56 7.65
CA HIS A 448 8.55 -6.18 7.74
C HIS A 448 9.30 -5.71 8.99
N HIS A 449 10.40 -6.41 9.28
CA HIS A 449 11.53 -5.88 10.08
C HIS A 449 12.78 -6.09 9.24
N PHE A 450 13.92 -5.59 9.69
CA PHE A 450 15.14 -5.48 8.87
C PHE A 450 16.34 -6.00 9.66
N HIS A 451 17.14 -6.83 9.00
CA HIS A 451 18.38 -7.40 9.59
C HIS A 451 19.61 -6.72 8.97
N GLU A 452 20.66 -6.56 9.78
CA GLU A 452 22.02 -6.17 9.32
C GLU A 452 22.78 -7.48 9.03
N LEU A 453 23.22 -7.69 7.80
CA LEU A 453 23.80 -9.01 7.39
C LEU A 453 25.19 -8.77 6.78
N ILE A 454 26.23 -9.36 7.35
CA ILE A 454 27.62 -9.06 6.92
C ILE A 454 28.07 -10.18 5.98
N MET A 455 28.47 -9.78 4.78
CA MET A 455 28.97 -10.70 3.73
C MET A 455 30.37 -11.18 4.16
N LYS A 456 30.74 -12.38 3.72
N LYS A 456 30.73 -12.39 3.72
CA LYS A 456 32.05 -13.02 4.02
CA LYS A 456 32.05 -13.02 4.01
C LYS A 456 33.19 -12.06 3.63
C LYS A 456 33.17 -12.03 3.67
N ASP A 457 32.96 -11.15 2.69
CA ASP A 457 33.96 -10.13 2.26
C ASP A 457 33.86 -8.81 3.05
N GLY A 458 33.05 -8.75 4.12
CA GLY A 458 32.98 -7.58 5.01
C GLY A 458 31.92 -6.56 4.62
N ARG A 459 31.33 -6.63 3.42
CA ARG A 459 30.35 -5.60 3.02
C ARG A 459 29.03 -5.86 3.78
N VAL A 460 28.25 -4.81 3.99
CA VAL A 460 27.03 -4.84 4.84
C VAL A 460 25.77 -4.73 4.00
N LEU A 461 24.89 -5.73 4.13
CA LEU A 461 23.54 -5.73 3.54
C LEU A 461 22.53 -5.41 4.65
N VAL A 462 21.57 -4.55 4.38
CA VAL A 462 20.39 -4.39 5.25
C VAL A 462 19.20 -5.00 4.49
N VAL A 463 18.65 -6.09 5.02
CA VAL A 463 17.68 -6.94 4.29
C VAL A 463 16.31 -6.94 4.96
N PRO A 464 15.25 -7.04 4.12
CA PRO A 464 13.87 -7.14 4.60
C PRO A 464 13.53 -8.55 5.08
N CYS A 465 12.66 -8.65 6.08
CA CYS A 465 12.30 -9.96 6.67
C CYS A 465 10.89 -9.91 7.23
N ARG A 466 10.19 -11.03 7.20
CA ARG A 466 9.01 -11.23 8.05
C ARG A 466 8.86 -12.72 8.34
N ASN A 467 7.95 -13.02 9.24
CA ASN A 467 7.73 -14.42 9.66
C ASN A 467 7.54 -15.28 8.37
N GLN A 468 8.24 -16.41 8.24
CA GLN A 468 8.35 -17.15 6.96
C GLN A 468 7.02 -17.83 6.65
N ASP A 469 6.22 -18.14 7.68
CA ASP A 469 4.89 -18.73 7.44
C ASP A 469 4.02 -17.77 6.63
N GLU A 470 4.14 -16.46 6.87
CA GLU A 470 3.36 -15.44 6.13
C GLU A 470 3.80 -15.44 4.67
N LEU A 471 5.10 -15.56 4.40
CA LEU A 471 5.63 -15.50 3.02
C LEU A 471 5.17 -16.74 2.23
N ILE A 472 5.30 -17.91 2.83
CA ILE A 472 4.94 -19.18 2.14
C ILE A 472 3.43 -19.27 1.95
N GLY A 473 2.67 -18.89 2.97
CA GLY A 473 1.20 -18.90 2.92
C GLY A 473 0.66 -17.97 1.84
N ARG A 474 1.30 -16.82 1.62
CA ARG A 474 0.85 -15.83 0.58
C ARG A 474 1.18 -16.39 -0.82
N ALA A 475 2.36 -16.99 -1.01
CA ALA A 475 2.81 -17.53 -2.32
C ALA A 475 1.95 -18.72 -2.76
N ARG A 476 1.25 -19.38 -1.83
CA ARG A 476 0.38 -20.55 -2.11
C ARG A 476 -1.03 -20.10 -2.50
N ILE A 477 -1.27 -18.79 -2.57
CA ILE A 477 -2.61 -18.26 -2.90
C ILE A 477 -2.61 -17.51 -4.23
N SER A 478 -3.68 -17.72 -5.00
N SER A 478 -3.66 -17.71 -5.03
CA SER A 478 -4.02 -16.97 -6.24
CA SER A 478 -3.96 -16.89 -6.22
C SER A 478 -5.39 -16.30 -6.04
C SER A 478 -5.42 -16.40 -6.17
N GLN A 479 -5.71 -15.31 -6.88
CA GLN A 479 -7.04 -14.66 -6.90
C GLN A 479 -7.57 -14.81 -8.32
N GLY A 480 -8.87 -15.06 -8.45
CA GLY A 480 -9.57 -15.04 -9.76
C GLY A 480 -9.67 -16.41 -10.40
N ALA A 481 -10.45 -16.47 -11.49
CA ALA A 481 -10.85 -17.69 -12.21
C ALA A 481 -10.08 -17.79 -13.53
N GLY A 482 -10.14 -18.98 -14.14
CA GLY A 482 -9.66 -19.25 -15.50
C GLY A 482 -8.16 -19.28 -15.55
N TRP A 483 -7.47 -19.64 -14.45
CA TRP A 483 -5.99 -19.80 -14.52
C TRP A 483 -5.62 -21.09 -15.26
N SER A 484 -4.90 -20.97 -16.37
CA SER A 484 -4.24 -22.13 -17.02
C SER A 484 -3.15 -22.66 -16.08
N LEU A 485 -2.62 -23.85 -16.36
CA LEU A 485 -1.43 -24.37 -15.62
C LEU A 485 -0.22 -23.47 -15.89
N ARG A 486 -0.09 -23.00 -17.14
CA ARG A 486 1.05 -22.12 -17.50
C ARG A 486 0.96 -20.83 -16.70
N GLU A 487 -0.22 -20.22 -16.60
CA GLU A 487 -0.36 -18.92 -15.90
C GLU A 487 -0.09 -19.13 -14.39
N THR A 488 -0.54 -20.26 -13.84
CA THR A 488 -0.30 -20.60 -12.41
C THR A 488 1.22 -20.76 -12.18
N ALA A 489 1.88 -21.48 -13.08
CA ALA A 489 3.34 -21.69 -13.00
C ALA A 489 4.07 -20.34 -13.04
N CYS A 490 3.64 -19.40 -13.90
CA CYS A 490 4.32 -18.11 -14.09
C CYS A 490 4.11 -17.25 -12.82
N LEU A 491 2.94 -17.34 -12.16
CA LEU A 491 2.73 -16.66 -10.84
C LEU A 491 3.65 -17.27 -9.76
N GLY A 492 3.80 -18.59 -9.73
CA GLY A 492 4.75 -19.25 -8.82
C GLY A 492 6.16 -18.72 -9.04
N LYS A 493 6.55 -18.60 -10.30
CA LYS A 493 7.86 -18.04 -10.68
C LYS A 493 8.03 -16.60 -10.20
N SER A 494 7.02 -15.73 -10.28
CA SER A 494 7.11 -14.36 -9.73
C SER A 494 7.45 -14.44 -8.23
N TYR A 495 6.75 -15.27 -7.47
CA TYR A 495 7.04 -15.38 -6.01
C TYR A 495 8.48 -15.86 -5.82
N ALA A 496 8.88 -16.89 -6.55
CA ALA A 496 10.23 -17.47 -6.41
C ALA A 496 11.28 -16.38 -6.68
N GLN A 497 11.13 -15.61 -7.74
CA GLN A 497 12.15 -14.56 -8.06
C GLN A 497 12.15 -13.45 -6.98
N MET A 498 10.98 -13.08 -6.46
CA MET A 498 10.92 -12.11 -5.34
C MET A 498 11.71 -12.68 -4.16
N TRP A 499 11.51 -13.95 -3.85
CA TRP A 499 12.25 -14.56 -2.71
C TRP A 499 13.77 -14.52 -2.95
N SER A 500 14.23 -14.83 -4.17
N SER A 500 14.25 -14.82 -4.17
CA SER A 500 15.67 -14.84 -4.54
CA SER A 500 15.70 -14.85 -4.49
C SER A 500 16.26 -13.43 -4.37
C SER A 500 16.28 -13.43 -4.44
N LEU A 501 15.47 -12.39 -4.63
CA LEU A 501 15.95 -10.98 -4.55
C LEU A 501 15.83 -10.37 -3.15
N MET A 502 14.75 -10.61 -2.44
CA MET A 502 14.45 -9.93 -1.16
C MET A 502 14.77 -10.85 0.02
N TYR A 503 14.54 -12.17 -0.08
CA TYR A 503 14.56 -13.09 1.09
C TYR A 503 15.59 -14.21 0.90
N PHE A 504 16.62 -13.97 0.07
CA PHE A 504 17.74 -14.90 -0.21
C PHE A 504 18.41 -15.38 1.07
N HIS A 505 18.32 -14.58 2.13
CA HIS A 505 18.96 -14.81 3.46
C HIS A 505 18.17 -15.80 4.33
N ARG A 506 17.00 -16.27 3.88
CA ARG A 506 16.18 -17.30 4.56
C ARG A 506 16.49 -18.62 3.84
N ARG A 507 17.09 -19.58 4.53
CA ARG A 507 17.53 -20.87 3.95
C ARG A 507 16.38 -21.56 3.21
N ASP A 508 15.21 -21.69 3.83
CA ASP A 508 14.06 -22.40 3.22
C ASP A 508 13.61 -21.68 1.93
N LEU A 509 13.65 -20.34 1.91
CA LEU A 509 13.09 -19.59 0.76
C LEU A 509 14.09 -19.62 -0.38
N ARG A 510 15.38 -19.62 -0.11
CA ARG A 510 16.35 -19.66 -1.23
C ARG A 510 16.23 -21.04 -1.91
N LEU A 511 16.08 -22.11 -1.13
CA LEU A 511 15.94 -23.49 -1.66
C LEU A 511 14.61 -23.62 -2.41
N ALA A 512 13.51 -23.14 -1.84
CA ALA A 512 12.18 -23.27 -2.48
C ALA A 512 12.15 -22.44 -3.80
N ALA A 513 12.78 -21.28 -3.82
CA ALA A 513 12.89 -20.39 -5.00
C ALA A 513 13.65 -21.11 -6.10
N ASN A 514 14.79 -21.68 -5.73
CA ASN A 514 15.59 -22.48 -6.70
C ASN A 514 14.73 -23.65 -7.21
N ALA A 515 14.01 -24.35 -6.35
CA ALA A 515 13.14 -25.49 -6.79
C ALA A 515 12.07 -24.99 -7.76
N ILE A 516 11.33 -23.94 -7.43
CA ILE A 516 10.24 -23.45 -8.32
C ILE A 516 10.86 -23.01 -9.68
N CYS A 517 11.96 -22.26 -9.66
CA CYS A 517 12.60 -21.79 -10.93
C CYS A 517 13.10 -22.99 -11.74
N SER A 518 13.38 -24.11 -11.08
CA SER A 518 13.85 -25.35 -11.76
C SER A 518 12.65 -26.07 -12.36
N ALA A 519 11.46 -25.92 -11.75
CA ALA A 519 10.24 -26.70 -12.09
C ALA A 519 9.47 -26.00 -13.19
N VAL A 520 9.65 -24.70 -13.37
CA VAL A 520 8.92 -23.89 -14.38
C VAL A 520 9.83 -23.71 -15.59
N PRO A 521 9.33 -23.88 -16.84
CA PRO A 521 10.19 -23.70 -18.01
C PRO A 521 11.00 -22.39 -17.95
N SER A 522 12.29 -22.49 -18.22
N SER A 522 12.29 -22.50 -18.23
CA SER A 522 13.30 -21.40 -18.04
CA SER A 522 13.31 -21.42 -18.08
C SER A 522 12.85 -20.11 -18.74
C SER A 522 12.86 -20.12 -18.74
N HIS A 523 12.27 -20.19 -19.95
CA HIS A 523 11.89 -18.97 -20.74
C HIS A 523 10.48 -18.45 -20.45
N TRP A 524 9.69 -19.11 -19.60
CA TRP A 524 8.33 -18.61 -19.30
C TRP A 524 8.43 -17.37 -18.43
N VAL A 525 7.63 -16.35 -18.74
CA VAL A 525 7.75 -14.98 -18.18
C VAL A 525 6.94 -14.91 -16.89
N PRO A 526 7.53 -14.46 -15.77
CA PRO A 526 6.76 -14.27 -14.55
C PRO A 526 5.57 -13.32 -14.75
N THR A 527 4.41 -13.65 -14.19
CA THR A 527 3.16 -12.84 -14.28
C THR A 527 2.55 -12.61 -12.91
N SER A 528 1.71 -11.60 -12.86
CA SER A 528 0.81 -11.22 -11.74
C SER A 528 -0.47 -10.67 -12.37
N ARG A 529 -1.60 -10.70 -11.69
CA ARG A 529 -2.87 -10.05 -12.16
C ARG A 529 -3.03 -8.67 -11.50
N THR A 530 -2.66 -8.50 -10.22
CA THR A 530 -2.61 -7.20 -9.50
C THR A 530 -1.15 -6.83 -9.17
N THR A 531 -0.60 -5.84 -9.86
CA THR A 531 0.81 -5.37 -9.74
C THR A 531 0.94 -4.48 -8.50
N ALA A 536 5.81 0.31 -4.86
CA ALA A 536 7.15 -0.30 -4.74
C ALA A 536 7.66 -0.75 -6.12
N THR A 537 8.98 -0.90 -6.25
CA THR A 537 9.67 -1.42 -7.47
C THR A 537 9.57 -2.94 -7.45
N HIS A 538 9.42 -3.57 -8.62
N HIS A 538 9.45 -3.56 -8.63
CA HIS A 538 9.27 -5.05 -8.77
CA HIS A 538 9.24 -5.01 -8.86
C HIS A 538 10.35 -5.59 -9.71
C HIS A 538 10.36 -5.57 -9.74
N GLU A 539 11.61 -5.56 -9.27
CA GLU A 539 12.78 -5.95 -10.10
C GLU A 539 12.82 -7.45 -10.37
N TRP A 540 12.05 -8.28 -9.63
CA TRP A 540 11.99 -9.74 -9.86
C TRP A 540 11.07 -10.05 -11.06
N MET A 541 10.35 -9.05 -11.60
CA MET A 541 9.42 -9.32 -12.73
C MET A 541 10.21 -9.19 -14.04
N THR A 542 10.89 -10.25 -14.47
CA THR A 542 11.93 -10.23 -15.53
C THR A 542 12.34 -11.66 -15.88
N THR A 543 12.86 -11.90 -17.08
CA THR A 543 13.47 -13.20 -17.48
C THR A 543 15.00 -13.11 -17.43
N GLU A 544 15.56 -11.96 -17.09
CA GLU A 544 17.02 -11.83 -16.82
C GLU A 544 17.47 -12.79 -15.71
N ASP A 545 18.73 -13.21 -15.75
CA ASP A 545 19.35 -14.12 -14.76
C ASP A 545 19.27 -13.47 -13.36
N MET A 546 18.85 -14.20 -12.31
CA MET A 546 18.56 -13.56 -11.00
C MET A 546 19.87 -13.17 -10.30
N LEU A 547 21.01 -13.82 -10.59
CA LEU A 547 22.29 -13.34 -10.02
C LEU A 547 22.62 -11.95 -10.59
N THR A 548 22.38 -11.70 -11.88
CA THR A 548 22.66 -10.40 -12.54
C THR A 548 21.76 -9.33 -11.91
N VAL A 549 20.48 -9.64 -11.70
CA VAL A 549 19.54 -8.70 -11.04
C VAL A 549 19.98 -8.46 -9.59
N TRP A 550 20.41 -9.50 -8.87
CA TRP A 550 20.84 -9.36 -7.45
C TRP A 550 22.02 -8.36 -7.42
N ASN A 551 23.00 -8.55 -8.31
CA ASN A 551 24.19 -7.65 -8.39
C ASN A 551 23.73 -6.23 -8.66
N ARG A 552 22.79 -6.01 -9.57
CA ARG A 552 22.38 -4.65 -9.95
C ARG A 552 21.74 -3.99 -8.72
N VAL A 553 20.89 -4.72 -7.99
CA VAL A 553 20.02 -4.16 -6.92
C VAL A 553 20.85 -3.95 -5.66
N TRP A 554 21.62 -4.95 -5.22
CA TRP A 554 22.29 -4.93 -3.91
C TRP A 554 23.69 -4.32 -4.00
N ILE A 555 24.32 -4.25 -5.19
CA ILE A 555 25.72 -3.77 -5.31
C ILE A 555 25.73 -2.51 -6.19
N GLN A 556 25.49 -2.65 -7.50
CA GLN A 556 25.73 -1.58 -8.52
C GLN A 556 24.91 -0.34 -8.13
N GLU A 557 23.59 -0.47 -7.95
CA GLU A 557 22.64 0.67 -7.82
C GLU A 557 22.36 0.98 -6.34
N ASN A 558 23.06 0.33 -5.41
CA ASN A 558 22.85 0.49 -3.95
C ASN A 558 23.71 1.66 -3.45
N PRO A 559 23.12 2.82 -3.12
CA PRO A 559 23.89 3.99 -2.70
C PRO A 559 24.55 3.81 -1.32
N TRP A 560 24.15 2.81 -0.54
CA TRP A 560 24.81 2.52 0.77
C TRP A 560 25.99 1.55 0.62
N MET A 561 26.32 1.07 -0.59
CA MET A 561 27.42 0.09 -0.86
C MET A 561 28.56 0.82 -1.62
N GLU A 562 29.65 1.15 -0.94
CA GLU A 562 30.78 1.91 -1.58
C GLU A 562 31.57 1.01 -2.55
N ASP A 563 31.94 -0.19 -2.13
CA ASP A 563 32.72 -1.14 -2.98
C ASP A 563 31.75 -1.83 -3.95
N LYS A 564 31.97 -1.68 -5.26
CA LYS A 564 31.05 -2.15 -6.33
C LYS A 564 31.55 -3.46 -6.95
N THR A 565 32.41 -4.20 -6.25
CA THR A 565 32.92 -5.49 -6.78
C THR A 565 31.73 -6.43 -6.96
N PRO A 566 31.43 -6.92 -8.19
CA PRO A 566 30.32 -7.85 -8.40
C PRO A 566 30.52 -9.15 -7.61
N VAL A 567 29.40 -9.77 -7.22
CA VAL A 567 29.40 -11.13 -6.62
C VAL A 567 29.35 -12.11 -7.81
N GLU A 568 30.12 -13.20 -7.74
CA GLU A 568 30.34 -14.12 -8.90
C GLU A 568 29.43 -15.35 -8.80
N SER A 569 28.92 -15.67 -7.61
CA SER A 569 28.06 -16.86 -7.42
C SER A 569 27.13 -16.66 -6.21
N TRP A 570 26.05 -17.41 -6.20
CA TRP A 570 25.10 -17.38 -5.07
C TRP A 570 25.81 -17.78 -3.76
N GLU A 571 26.87 -18.57 -3.78
CA GLU A 571 27.52 -19.04 -2.52
C GLU A 571 28.23 -17.88 -1.80
N GLU A 572 28.57 -16.79 -2.48
CA GLU A 572 29.11 -15.54 -1.85
C GLU A 572 28.02 -14.78 -1.08
N ILE A 573 26.75 -15.10 -1.30
CA ILE A 573 25.62 -14.32 -0.75
C ILE A 573 25.19 -14.99 0.55
N PRO A 574 25.27 -14.29 1.69
CA PRO A 574 25.09 -14.94 2.99
C PRO A 574 23.62 -15.17 3.42
N TYR A 575 23.45 -15.99 4.46
CA TYR A 575 22.17 -16.22 5.17
C TYR A 575 22.20 -15.52 6.54
N LEU A 576 21.03 -15.31 7.13
CA LEU A 576 20.92 -14.99 8.57
C LEU A 576 21.65 -16.10 9.34
N GLY A 577 22.10 -15.85 10.57
CA GLY A 577 22.48 -16.95 11.47
C GLY A 577 21.39 -18.03 11.54
N LYS A 578 21.80 -19.27 11.77
CA LYS A 578 20.90 -20.45 11.87
C LYS A 578 19.81 -20.20 12.93
N ARG A 579 20.19 -19.66 14.09
CA ARG A 579 19.23 -19.42 15.20
C ARG A 579 18.28 -18.27 14.81
N GLU A 580 18.78 -17.22 14.20
CA GLU A 580 17.91 -16.07 13.76
C GLU A 580 16.92 -16.54 12.69
N ASP A 581 17.34 -17.43 11.80
CA ASP A 581 16.49 -17.98 10.72
C ASP A 581 15.34 -18.76 11.37
N GLN A 582 15.63 -19.58 12.39
CA GLN A 582 14.58 -20.30 13.15
C GLN A 582 13.65 -19.31 13.85
N TRP A 583 14.20 -18.31 14.55
CA TRP A 583 13.39 -17.27 15.22
C TRP A 583 12.36 -16.67 14.23
N CYS A 584 12.78 -16.42 12.99
CA CYS A 584 11.91 -15.80 11.96
C CYS A 584 11.11 -16.85 11.16
N GLY A 585 11.01 -18.10 11.65
CA GLY A 585 10.04 -19.14 11.23
C GLY A 585 10.65 -20.25 10.38
N SER A 586 11.98 -20.33 10.20
CA SER A 586 12.64 -21.41 9.41
C SER A 586 12.26 -22.78 9.98
N LEU A 587 12.17 -23.77 9.11
CA LEU A 587 12.02 -25.18 9.52
C LEU A 587 13.36 -25.92 9.57
N ILE A 588 14.51 -25.26 9.39
CA ILE A 588 15.82 -25.96 9.50
C ILE A 588 15.85 -26.68 10.86
N GLY A 589 16.36 -27.91 10.88
CA GLY A 589 16.46 -28.74 12.09
C GLY A 589 15.26 -29.67 12.25
N LEU A 590 14.21 -29.53 11.44
CA LEU A 590 13.07 -30.50 11.47
C LEU A 590 13.33 -31.63 10.46
N THR A 591 12.88 -32.81 10.84
CA THR A 591 12.91 -34.03 9.98
C THR A 591 12.13 -33.80 8.68
N SER A 592 10.91 -33.23 8.73
CA SER A 592 10.13 -32.92 7.51
C SER A 592 10.98 -32.07 6.52
N ARG A 593 11.71 -31.08 7.02
CA ARG A 593 12.45 -30.11 6.16
C ARG A 593 13.66 -30.84 5.55
N ALA A 594 14.36 -31.65 6.35
CA ALA A 594 15.55 -32.39 5.88
C ALA A 594 15.15 -33.34 4.74
N THR A 595 14.00 -34.01 4.86
CA THR A 595 13.54 -34.96 3.82
C THR A 595 13.21 -34.18 2.54
N TRP A 596 12.50 -33.07 2.70
CA TRP A 596 12.17 -32.15 1.58
C TRP A 596 13.44 -31.70 0.85
N ALA A 597 14.44 -31.20 1.56
CA ALA A 597 15.68 -30.67 0.93
C ALA A 597 16.43 -31.80 0.21
N LYS A 598 16.60 -32.94 0.88
CA LYS A 598 17.33 -34.10 0.32
C LYS A 598 16.67 -34.57 -0.98
N ASN A 599 15.35 -34.69 -0.99
CA ASN A 599 14.54 -35.27 -2.10
C ASN A 599 13.98 -34.20 -3.02
N ILE A 600 14.54 -33.00 -3.06
CA ILE A 600 13.89 -31.86 -3.79
C ILE A 600 13.76 -32.15 -5.30
N GLN A 601 14.71 -32.90 -5.89
N GLN A 601 14.71 -32.90 -5.88
CA GLN A 601 14.69 -33.19 -7.35
CA GLN A 601 14.70 -33.21 -7.34
C GLN A 601 13.44 -34.03 -7.70
C GLN A 601 13.46 -34.04 -7.70
N THR A 602 12.99 -34.90 -6.78
CA THR A 602 11.73 -35.67 -6.95
C THR A 602 10.52 -34.73 -6.99
N ALA A 603 10.49 -33.66 -6.19
CA ALA A 603 9.37 -32.70 -6.17
C ALA A 603 9.42 -31.90 -7.46
N ILE A 604 10.62 -31.45 -7.82
CA ILE A 604 10.81 -30.67 -9.08
C ILE A 604 10.29 -31.53 -10.26
N ASN A 605 10.66 -32.80 -10.30
CA ASN A 605 10.30 -33.73 -11.41
C ASN A 605 8.78 -33.98 -11.39
N GLN A 606 8.12 -33.98 -10.23
CA GLN A 606 6.65 -34.13 -10.19
C GLN A 606 6.00 -32.97 -10.96
N VAL A 607 6.43 -31.74 -10.69
CA VAL A 607 5.84 -30.53 -11.32
C VAL A 607 6.22 -30.52 -12.82
N ARG A 608 7.46 -30.88 -13.16
CA ARG A 608 7.89 -30.96 -14.58
C ARG A 608 7.00 -31.94 -15.36
N SER A 609 6.70 -33.10 -14.77
CA SER A 609 5.83 -34.13 -15.39
C SER A 609 4.42 -33.58 -15.61
N LEU A 610 3.90 -32.75 -14.70
CA LEU A 610 2.55 -32.16 -14.87
C LEU A 610 2.58 -31.14 -16.01
N ILE A 611 3.61 -30.29 -16.07
CA ILE A 611 3.64 -29.18 -17.06
C ILE A 611 3.95 -29.78 -18.45
N GLY A 612 4.80 -30.81 -18.50
CA GLY A 612 5.07 -31.63 -19.68
C GLY A 612 6.46 -31.37 -20.28
N ASN A 613 6.64 -31.69 -21.56
CA ASN A 613 7.98 -31.76 -22.18
C ASN A 613 8.38 -30.37 -22.71
N GLU A 614 9.03 -29.59 -21.87
CA GLU A 614 9.35 -28.16 -22.05
C GLU A 614 10.85 -28.03 -21.76
N GLU A 615 11.44 -26.87 -21.97
CA GLU A 615 12.88 -26.63 -21.67
C GLU A 615 12.97 -26.09 -20.24
N TYR A 616 13.67 -26.82 -19.38
CA TYR A 616 13.90 -26.52 -17.95
C TYR A 616 15.41 -26.38 -17.71
N THR A 617 15.79 -25.58 -16.71
CA THR A 617 17.17 -25.42 -16.17
C THR A 617 17.19 -25.95 -14.72
N ASP A 618 18.24 -26.67 -14.32
CA ASP A 618 18.44 -27.07 -12.89
C ASP A 618 19.18 -25.93 -12.18
N TYR A 619 18.50 -25.18 -11.30
CA TYR A 619 19.17 -24.14 -10.47
C TYR A 619 19.64 -24.69 -9.11
N MET A 620 19.39 -25.96 -8.75
CA MET A 620 19.77 -26.45 -7.40
C MET A 620 21.29 -26.42 -7.18
N PRO A 621 22.18 -26.74 -8.14
CA PRO A 621 23.64 -26.64 -7.93
C PRO A 621 24.28 -25.23 -7.75
N SER A 622 23.49 -24.15 -7.81
CA SER A 622 23.84 -22.80 -7.30
C SER A 622 24.01 -22.82 -5.77
N MET A 623 23.43 -23.82 -5.10
CA MET A 623 23.57 -24.04 -3.63
C MET A 623 24.63 -25.11 -3.37
N LYS A 624 25.51 -24.86 -2.39
CA LYS A 624 26.68 -25.73 -2.06
C LYS A 624 26.33 -27.23 -1.92
N ARG A 625 25.22 -27.54 -1.24
CA ARG A 625 24.82 -28.92 -0.86
C ARG A 625 24.43 -29.74 -2.10
N PHE A 626 24.02 -29.10 -3.19
CA PHE A 626 23.59 -29.78 -4.45
C PHE A 626 24.74 -29.72 -5.47
N ARG A 627 25.83 -29.05 -5.09
CA ARG A 627 27.05 -28.91 -5.93
C ARG A 627 27.96 -30.12 -5.60
N ARG A 628 27.50 -31.34 -5.89
CA ARG A 628 28.27 -32.62 -5.82
C ARG A 628 28.67 -32.96 -4.38
ZN ZN B . 13.68 -11.72 10.51
ZN ZN C . -18.82 13.10 -11.33
O1 MES D . -2.51 -29.11 -12.07
O1 MES D . -2.47 -28.89 -11.77
C2 MES D . -3.22 -30.19 -11.49
C2 MES D . -3.09 -29.94 -11.05
C3 MES D . -3.65 -29.87 -10.08
C3 MES D . -2.99 -29.73 -9.57
N4 MES D . -2.45 -29.57 -9.24
N4 MES D . -1.55 -29.66 -9.15
C5 MES D . -1.65 -28.48 -9.89
C5 MES D . -0.89 -28.57 -9.95
C6 MES D . -1.34 -28.83 -11.32
C6 MES D . -1.08 -28.82 -11.43
C7 MES D . -2.81 -29.21 -7.84
C7 MES D . -1.39 -29.44 -7.69
C8 MES D . -1.64 -29.36 -6.90
C8 MES D . -2.66 -29.03 -6.98
S MES D . -2.08 -29.52 -5.18
S MES D . -2.57 -29.26 -5.21
O1S MES D . -1.55 -30.79 -4.80
O1S MES D . -1.60 -30.29 -5.01
O2S MES D . -1.45 -28.41 -4.52
O2S MES D . -2.17 -28.01 -4.66
O3S MES D . -3.52 -29.48 -5.10
O3S MES D . -3.89 -29.65 -4.80
S DMS E . 16.94 -19.11 -9.59
O DMS E . 18.40 -18.70 -9.26
C1 DMS E . 16.39 -18.02 -10.85
C2 DMS E . 16.01 -18.38 -8.26
S DMS F . 27.18 -19.62 2.16
O DMS F . 26.35 -18.50 1.55
C1 DMS F . 26.73 -21.12 1.31
C2 DMS F . 26.46 -20.00 3.74
S DMS G . 4.33 -11.21 -6.62
O DMS G . 4.85 -10.40 -7.77
C1 DMS G . 4.32 -10.10 -5.26
C2 DMS G . 5.70 -12.17 -6.09
C1 PEG H . 11.19 -5.16 -14.03
O1 PEG H . 12.14 -4.20 -13.62
C2 PEG H . 9.88 -4.53 -14.43
O2 PEG H . 8.96 -5.52 -14.87
C3 PEG H . 7.77 -5.00 -15.47
C4 PEG H . 6.78 -4.64 -14.39
O4 PEG H . 6.14 -5.77 -13.82
P PO4 I . 3.76 0.82 12.05
O1 PO4 I . 3.65 -0.13 13.39
O2 PO4 I . 3.27 2.35 12.38
O3 PO4 I . 5.25 0.89 11.49
O4 PO4 I . 2.86 0.20 11.01
C1 PEG J . 4.37 -19.99 15.17
O1 PEG J . 3.39 -20.14 16.19
C2 PEG J . 5.23 -21.21 15.01
O2 PEG J . 6.37 -21.13 15.86
C3 PEG J . 7.60 -20.94 15.16
C4 PEG J . 8.75 -21.30 16.05
O4 PEG J . 8.96 -22.69 16.14
P PO4 K . -9.70 27.30 -3.59
O1 PO4 K . -10.58 26.34 -2.76
O2 PO4 K . -8.84 28.17 -2.66
O3 PO4 K . -8.75 26.47 -4.50
O4 PO4 K . -10.59 28.20 -4.46
C1 PEG L . 20.49 8.00 0.55
O1 PEG L . 20.55 7.68 -0.84
C2 PEG L . 21.83 8.37 1.09
O2 PEG L . 22.77 7.36 0.72
C3 PEG L . 24.14 7.76 0.90
C4 PEG L . 24.69 7.16 2.15
O4 PEG L . 25.96 6.54 1.95
C4 STV M . 20.80 -27.56 7.29
C5 STV M . 20.29 -28.24 8.38
C6 STV M . 20.41 -27.65 9.63
C7 STV M . 21.02 -26.43 9.78
C8 STV M . 21.55 -25.75 8.70
N STV M . 21.70 -26.23 4.94
C STV M . 22.66 -23.72 3.34
O STV M . 19.90 -24.55 4.61
C1 STV M . 21.65 -24.63 2.69
C2 STV M . 22.02 -25.60 6.24
C3 STV M . 21.43 -26.32 7.43
C9 STV M . 20.14 -27.01 11.74
O1 STV M . 19.97 -26.56 3.18
O2 STV M . 20.99 -26.05 11.10
O3 STV M . 19.97 -28.10 10.84
S STV M . 20.66 -25.50 3.87
#